data_6GMM
#
_entry.id   6GMM
#
_cell.length_a   59.860
_cell.length_b   59.860
_cell.length_c   264.740
_cell.angle_alpha   90.00
_cell.angle_beta   90.00
_cell.angle_gamma   90.00
#
_symmetry.space_group_name_H-M   'P 41 21 2'
#
loop_
_entity.id
_entity.type
_entity.pdbx_description
1 polymer 'adhesin LabA'
2 water water
#
_entity_poly.entity_id   1
_entity_poly.type   'polypeptide(L)'
_entity_poly.pdbx_seq_one_letter_code
;GSQDLSDSYERLNNLLTNYSVLNALIRQSADPNAINNARGNLNASAKNLINDKKNSPAYQAVLLALNAAAGLWQVMSYAI
SPCGPGKDTSKNGGVQTFHNTPSNQWGGTTITCGTTGYEPGPYSILSTENYAKINKAYQIIQKAFGSSGKDIPALSDTNT
ELKFTINKNNGNTNTNNNGEEIVTKNNAQVLLEQASTIITTLNSACPWINNGGAGGASSGSLWEGIYLKGDGSACGIFKN
EISAIQDMIKNAAIAVEQSKIVAANAQNQRNLDTGKTFNPYKDANFAQSMFANAKAQAEILNRAQAVVKDFERIPAEFVK
DSLGVCHEVQNGHLRGTPSGTVTDNTWGAGCAYVGETVTNLKDSIAHFGDQAERIHNARNLAYTLANFSSQYQKLGEHYD
SITAAISSLPDAQSLQNVVSKKTNPNSPQGIQDNYYIDSNIHSQVQSRSQELKGS
;
_entity_poly.pdbx_strand_id   A
#
# COMPACT_ATOMS: atom_id res chain seq x y z
N GLN A 3 -23.01 35.69 -2.25
CA GLN A 3 -23.52 36.52 -3.35
C GLN A 3 -23.15 35.95 -4.72
N ASP A 4 -23.90 36.38 -5.75
CA ASP A 4 -23.75 35.90 -7.13
C ASP A 4 -22.38 36.28 -7.75
N LEU A 5 -21.80 37.43 -7.33
CA LEU A 5 -20.50 37.93 -7.80
C LEU A 5 -19.36 37.07 -7.26
N SER A 6 -19.44 36.65 -5.98
CA SER A 6 -18.44 35.79 -5.35
C SER A 6 -18.49 34.41 -6.00
N ASP A 7 -19.71 33.96 -6.32
CA ASP A 7 -19.97 32.67 -6.97
C ASP A 7 -19.38 32.67 -8.37
N SER A 8 -19.54 33.80 -9.09
CA SER A 8 -19.05 33.99 -10.44
C SER A 8 -17.52 33.98 -10.48
N TYR A 9 -16.85 34.49 -9.42
CA TYR A 9 -15.40 34.56 -9.34
C TYR A 9 -14.80 33.20 -9.08
N GLU A 10 -15.38 32.42 -8.15
CA GLU A 10 -14.92 31.06 -7.85
C GLU A 10 -15.12 30.16 -9.09
N ARG A 11 -16.20 30.41 -9.86
CA ARG A 11 -16.56 29.73 -11.10
C ARG A 11 -15.50 30.01 -12.17
N LEU A 12 -15.12 31.31 -12.34
CA LEU A 12 -14.13 31.72 -13.31
C LEU A 12 -12.76 31.18 -12.91
N ASN A 13 -12.40 31.29 -11.61
CA ASN A 13 -11.13 30.81 -11.09
C ASN A 13 -10.89 29.33 -11.37
N ASN A 14 -11.93 28.50 -11.18
CA ASN A 14 -11.79 27.07 -11.43
C ASN A 14 -11.64 26.76 -12.92
N LEU A 15 -12.27 27.57 -13.78
CA LEU A 15 -12.13 27.45 -15.24
C LEU A 15 -10.68 27.83 -15.64
N LEU A 16 -10.11 28.83 -14.97
CA LEU A 16 -8.74 29.29 -15.22
C LEU A 16 -7.72 28.22 -14.86
N THR A 17 -7.91 27.59 -13.70
CA THR A 17 -7.09 26.47 -13.18
C THR A 17 -7.16 25.30 -14.16
N ASN A 18 -8.38 24.91 -14.56
CA ASN A 18 -8.59 23.81 -15.51
C ASN A 18 -7.96 24.12 -16.86
N TYR A 19 -8.09 25.37 -17.33
CA TYR A 19 -7.54 25.84 -18.58
C TYR A 19 -6.00 25.77 -18.53
N SER A 20 -5.40 26.41 -17.51
CA SER A 20 -3.96 26.52 -17.30
C SER A 20 -3.25 25.16 -17.33
N VAL A 21 -3.83 24.17 -16.58
CA VAL A 21 -3.36 22.80 -16.43
C VAL A 21 -3.47 22.02 -17.75
N LEU A 22 -4.65 22.11 -18.43
CA LEU A 22 -4.87 21.43 -19.69
C LEU A 22 -3.94 22.04 -20.77
N ASN A 23 -3.64 23.33 -20.64
CA ASN A 23 -2.75 23.98 -21.57
C ASN A 23 -1.32 23.47 -21.42
N ALA A 24 -0.78 23.45 -20.18
CA ALA A 24 0.58 22.98 -19.93
C ALA A 24 0.75 21.53 -20.40
N LEU A 25 -0.31 20.71 -20.28
CA LEU A 25 -0.30 19.32 -20.73
C LEU A 25 -0.29 19.18 -22.24
N ILE A 26 -1.06 20.03 -22.95
CA ILE A 26 -1.16 20.00 -24.41
C ILE A 26 0.17 20.41 -25.03
N ARG A 27 0.84 21.40 -24.40
CA ARG A 27 2.15 21.88 -24.79
C ARG A 27 3.14 20.74 -24.57
N GLN A 28 3.12 20.10 -23.37
CA GLN A 28 3.97 18.97 -23.02
C GLN A 28 3.80 17.80 -24.00
N SER A 29 2.55 17.51 -24.44
CA SER A 29 2.21 16.41 -25.37
C SER A 29 2.83 16.53 -26.75
N ALA A 30 3.28 17.75 -27.10
CA ALA A 30 3.90 18.06 -28.38
C ALA A 30 5.44 18.08 -28.28
N ASP A 31 6.00 17.67 -27.14
CA ASP A 31 7.44 17.75 -26.91
C ASP A 31 8.07 16.36 -26.71
N PRO A 32 8.78 15.79 -27.74
CA PRO A 32 9.37 14.44 -27.57
C PRO A 32 10.40 14.32 -26.45
N ASN A 33 11.10 15.42 -26.13
CA ASN A 33 12.06 15.51 -25.02
C ASN A 33 11.29 15.29 -23.71
N ALA A 34 10.16 16.02 -23.49
CA ALA A 34 9.29 15.90 -22.30
C ALA A 34 8.65 14.53 -22.19
N ILE A 35 8.33 13.91 -23.32
CA ILE A 35 7.75 12.56 -23.33
C ILE A 35 8.84 11.56 -22.95
N ASN A 36 10.06 11.69 -23.57
CA ASN A 36 11.19 10.79 -23.25
C ASN A 36 11.52 10.89 -21.77
N ASN A 37 11.56 12.12 -21.21
CA ASN A 37 11.82 12.30 -19.76
C ASN A 37 10.82 11.57 -18.89
N ALA A 38 9.51 11.67 -19.21
CA ALA A 38 8.47 11.00 -18.42
C ALA A 38 8.53 9.46 -18.51
N ARG A 39 8.81 8.95 -19.72
CA ARG A 39 8.91 7.51 -19.96
C ARG A 39 10.13 6.94 -19.24
N GLY A 40 11.26 7.67 -19.28
CA GLY A 40 12.48 7.29 -18.58
C GLY A 40 12.29 7.34 -17.09
N ASN A 41 11.51 8.34 -16.59
CA ASN A 41 11.17 8.44 -15.16
C ASN A 41 10.34 7.25 -14.68
N LEU A 42 9.36 6.79 -15.49
CA LEU A 42 8.48 5.68 -15.12
C LEU A 42 9.25 4.38 -15.09
N ASN A 43 10.11 4.16 -16.09
CA ASN A 43 10.93 2.94 -16.21
C ASN A 43 11.86 2.83 -14.99
N ALA A 44 12.46 3.96 -14.57
CA ALA A 44 13.35 4.02 -13.38
C ALA A 44 12.56 3.75 -12.10
N SER A 45 11.42 4.45 -11.87
CA SER A 45 10.63 4.17 -10.66
C SER A 45 9.94 2.80 -10.68
N ALA A 46 9.68 2.22 -11.86
CA ALA A 46 9.07 0.87 -11.97
C ALA A 46 10.07 -0.10 -11.41
N LYS A 47 11.31 -0.10 -11.95
CA LYS A 47 12.42 -0.92 -11.50
C LYS A 47 12.68 -0.67 -10.01
N ASN A 48 12.54 0.58 -9.54
CA ASN A 48 12.74 0.85 -8.11
C ASN A 48 11.64 0.24 -7.23
N LEU A 49 10.42 0.06 -7.77
CA LEU A 49 9.32 -0.55 -7.00
C LEU A 49 9.34 -2.08 -7.01
N ILE A 50 9.49 -2.69 -8.18
CA ILE A 50 9.40 -4.14 -8.32
C ILE A 50 10.77 -4.88 -8.39
N ASN A 51 11.91 -4.19 -8.47
CA ASN A 51 13.17 -4.95 -8.47
C ASN A 51 13.96 -4.77 -7.19
N ASP A 52 13.69 -3.69 -6.45
CA ASP A 52 14.35 -3.38 -5.18
C ASP A 52 13.61 -3.89 -3.98
N LYS A 53 14.36 -4.11 -2.88
CA LYS A 53 13.81 -4.57 -1.63
C LYS A 53 13.85 -3.45 -0.59
N LYS A 54 15.05 -2.94 -0.28
CA LYS A 54 15.27 -1.93 0.75
C LYS A 54 14.54 -0.62 0.46
N ASN A 55 14.77 -0.05 -0.74
CA ASN A 55 14.17 1.23 -1.08
C ASN A 55 12.84 1.10 -1.87
N SER A 56 12.13 -0.03 -1.70
CA SER A 56 10.83 -0.17 -2.34
C SER A 56 9.71 -0.08 -1.32
N PRO A 57 8.85 0.97 -1.37
CA PRO A 57 7.71 1.02 -0.46
C PRO A 57 6.74 -0.15 -0.67
N ALA A 58 6.70 -0.76 -1.87
CA ALA A 58 5.85 -1.91 -2.17
C ALA A 58 6.34 -3.13 -1.33
N TYR A 59 7.62 -3.49 -1.52
CA TYR A 59 8.30 -4.56 -0.79
C TYR A 59 8.22 -4.32 0.73
N GLN A 60 8.58 -3.11 1.22
CA GLN A 60 8.50 -2.84 2.66
C GLN A 60 7.06 -2.91 3.13
N ALA A 61 6.07 -2.54 2.28
CA ALA A 61 4.66 -2.65 2.74
C ALA A 61 4.27 -4.07 3.04
N VAL A 62 4.70 -5.00 2.16
CA VAL A 62 4.47 -6.44 2.29
C VAL A 62 5.11 -6.88 3.57
N LEU A 63 6.42 -6.63 3.73
CA LEU A 63 7.19 -6.98 4.92
C LEU A 63 6.50 -6.60 6.23
N LEU A 64 5.98 -5.39 6.34
CA LEU A 64 5.30 -5.00 7.59
C LEU A 64 4.05 -5.77 7.80
N ALA A 65 3.24 -6.03 6.76
CA ALA A 65 2.02 -6.83 6.92
C ALA A 65 2.38 -8.22 7.42
N LEU A 66 3.46 -8.84 6.88
CA LEU A 66 3.87 -10.21 7.28
C LEU A 66 4.37 -10.26 8.73
N ASN A 67 5.37 -9.42 9.07
CA ASN A 67 5.92 -9.31 10.42
C ASN A 67 4.80 -8.96 11.39
N ALA A 68 3.87 -8.11 11.00
CA ALA A 68 2.80 -7.80 11.95
C ALA A 68 1.83 -8.97 12.14
N ALA A 69 1.61 -9.81 11.09
CA ALA A 69 0.70 -10.96 11.29
C ALA A 69 1.38 -12.05 12.14
N ALA A 70 2.65 -12.38 11.84
CA ALA A 70 3.44 -13.35 12.58
C ALA A 70 3.69 -12.86 14.01
N GLY A 71 3.98 -11.58 14.16
CA GLY A 71 4.23 -10.97 15.47
C GLY A 71 3.03 -11.04 16.41
N LEU A 72 1.78 -10.81 15.92
CA LEU A 72 0.61 -10.90 16.80
C LEU A 72 0.54 -12.32 17.35
N TRP A 73 0.63 -13.32 16.45
CA TRP A 73 0.62 -14.72 16.79
C TRP A 73 1.72 -15.06 17.77
N GLN A 74 2.96 -14.61 17.52
CA GLN A 74 4.06 -14.87 18.46
C GLN A 74 3.85 -14.24 19.83
N VAL A 75 3.32 -13.03 19.89
CA VAL A 75 3.18 -12.34 21.17
C VAL A 75 1.97 -12.82 22.01
N MET A 76 0.92 -13.44 21.40
CA MET A 76 -0.17 -13.81 22.31
C MET A 76 -0.62 -15.33 22.28
N SER A 77 -0.05 -16.18 21.40
CA SER A 77 -0.40 -17.60 21.28
C SER A 77 -0.22 -18.37 22.61
N TYR A 78 0.83 -18.00 23.37
CA TYR A 78 1.09 -18.59 24.67
C TYR A 78 -0.06 -18.41 25.64
N ALA A 79 -0.78 -17.30 25.59
CA ALA A 79 -1.88 -17.12 26.52
C ALA A 79 -3.23 -17.60 25.99
N ILE A 80 -3.22 -18.30 24.85
CA ILE A 80 -4.47 -18.82 24.31
C ILE A 80 -4.80 -20.10 25.04
N SER A 81 -6.03 -20.14 25.64
CA SER A 81 -6.61 -21.26 26.39
C SER A 81 -6.15 -22.58 25.76
N PRO A 82 -5.38 -23.41 26.52
CA PRO A 82 -4.77 -24.63 25.95
C PRO A 82 -5.60 -25.36 24.92
N CYS A 83 -5.03 -25.48 23.74
CA CYS A 83 -5.68 -26.11 22.59
C CYS A 83 -5.89 -27.60 22.78
N GLY A 84 -6.89 -28.12 22.06
CA GLY A 84 -7.24 -29.53 22.02
C GLY A 84 -8.56 -29.82 21.32
N PRO A 85 -8.98 -31.11 21.21
CA PRO A 85 -10.23 -31.43 20.50
C PRO A 85 -11.52 -31.44 21.32
N GLY A 86 -11.42 -31.49 22.65
CA GLY A 86 -12.57 -31.60 23.55
C GLY A 86 -12.79 -33.05 23.93
N LYS A 87 -13.93 -33.35 24.59
CA LYS A 87 -14.30 -34.69 25.08
C LYS A 87 -14.12 -35.81 24.06
N ASP A 88 -14.47 -35.56 22.80
CA ASP A 88 -14.38 -36.55 21.74
C ASP A 88 -13.09 -36.32 20.98
N THR A 89 -12.10 -37.19 21.17
CA THR A 89 -10.77 -37.08 20.53
C THR A 89 -10.77 -37.42 19.04
N SER A 90 -11.93 -37.80 18.47
CA SER A 90 -12.03 -38.10 17.04
C SER A 90 -12.49 -36.88 16.26
N LYS A 91 -12.87 -35.83 16.99
CA LYS A 91 -13.40 -34.61 16.41
C LYS A 91 -12.45 -33.40 16.58
N ASN A 92 -12.68 -32.31 15.78
CA ASN A 92 -12.00 -31.03 15.86
C ASN A 92 -10.48 -31.07 15.64
N GLY A 93 -10.02 -32.00 14.81
CA GLY A 93 -8.60 -32.13 14.51
C GLY A 93 -7.91 -33.17 15.39
N GLY A 94 -8.66 -33.70 16.35
CA GLY A 94 -8.17 -34.72 17.29
C GLY A 94 -7.04 -34.23 18.16
N VAL A 95 -6.07 -35.08 18.44
CA VAL A 95 -4.92 -34.73 19.27
C VAL A 95 -3.70 -34.69 18.36
N GLN A 96 -3.03 -33.52 18.30
CA GLN A 96 -1.83 -33.30 17.48
C GLN A 96 -0.72 -32.52 18.21
N THR A 97 0.54 -32.69 17.76
CA THR A 97 1.75 -32.04 18.29
C THR A 97 2.43 -31.20 17.17
N PHE A 98 2.78 -29.94 17.52
CA PHE A 98 3.36 -28.98 16.61
C PHE A 98 4.72 -28.48 17.12
N HIS A 99 5.75 -28.64 16.29
CA HIS A 99 7.10 -28.21 16.59
C HIS A 99 7.35 -26.82 16.02
N ASN A 100 8.43 -26.17 16.52
CA ASN A 100 8.90 -24.85 16.08
C ASN A 100 7.84 -23.78 16.26
N THR A 101 6.88 -23.97 17.16
CA THR A 101 5.86 -22.96 17.42
C THR A 101 6.48 -21.71 18.12
N PRO A 102 5.73 -20.58 18.21
CA PRO A 102 6.31 -19.42 18.90
C PRO A 102 6.73 -19.75 20.33
N SER A 103 7.91 -19.31 20.71
CA SER A 103 8.46 -19.43 22.06
C SER A 103 7.40 -19.03 23.11
N ASN A 104 7.19 -19.88 24.13
CA ASN A 104 6.25 -19.56 25.19
C ASN A 104 6.95 -18.78 26.30
N GLN A 105 6.27 -18.53 27.44
CA GLN A 105 6.84 -17.74 28.53
C GLN A 105 8.06 -18.42 29.20
N TRP A 106 8.31 -19.74 28.91
CA TRP A 106 9.41 -20.56 29.43
C TRP A 106 10.48 -20.93 28.38
N GLY A 107 10.16 -20.71 27.11
CA GLY A 107 11.08 -21.00 26.02
C GLY A 107 10.74 -22.25 25.25
N GLY A 108 9.59 -22.85 25.56
CA GLY A 108 9.12 -24.04 24.88
C GLY A 108 8.66 -23.72 23.49
N THR A 109 9.11 -24.53 22.49
CA THR A 109 8.76 -24.38 21.05
C THR A 109 7.95 -25.59 20.53
N THR A 110 7.50 -26.49 21.42
CA THR A 110 6.70 -27.68 21.04
C THR A 110 5.41 -27.67 21.85
N ILE A 111 4.28 -27.86 21.17
CA ILE A 111 2.97 -27.85 21.80
C ILE A 111 2.16 -29.07 21.38
N THR A 112 1.41 -29.64 22.32
CA THR A 112 0.49 -30.71 22.05
C THR A 112 -0.92 -30.16 22.29
N CYS A 113 -1.79 -30.29 21.29
CA CYS A 113 -3.20 -29.90 21.38
C CYS A 113 -3.92 -31.13 21.82
N GLY A 114 -3.90 -31.40 23.12
CA GLY A 114 -4.54 -32.60 23.68
C GLY A 114 -5.54 -32.37 24.80
N THR A 115 -6.05 -31.11 24.93
CA THR A 115 -7.02 -30.78 25.97
C THR A 115 -8.43 -31.32 25.65
N THR A 116 -9.00 -32.08 26.60
CA THR A 116 -10.30 -32.73 26.52
C THR A 116 -11.32 -32.17 27.54
N GLY A 117 -10.83 -31.49 28.57
CA GLY A 117 -11.66 -30.96 29.66
C GLY A 117 -12.61 -29.84 29.31
N TYR A 118 -12.46 -29.24 28.11
CA TYR A 118 -13.27 -28.11 27.61
C TYR A 118 -13.62 -28.29 26.13
N GLU A 119 -14.74 -27.72 25.66
CA GLU A 119 -15.14 -27.83 24.25
C GLU A 119 -14.62 -26.66 23.39
N PRO A 120 -13.86 -26.94 22.30
CA PRO A 120 -13.32 -25.83 21.50
C PRO A 120 -14.33 -24.89 20.87
N GLY A 121 -14.00 -23.62 20.83
CA GLY A 121 -14.84 -22.59 20.25
C GLY A 121 -14.62 -21.21 20.85
N PRO A 122 -15.32 -20.17 20.35
CA PRO A 122 -15.14 -18.82 20.92
C PRO A 122 -15.38 -18.76 22.43
N TYR A 123 -14.53 -18.00 23.16
CA TYR A 123 -14.58 -17.82 24.62
C TYR A 123 -14.26 -19.14 25.34
N SER A 124 -13.72 -20.10 24.57
CA SER A 124 -13.30 -21.40 25.09
C SER A 124 -11.93 -21.72 24.49
N ILE A 125 -11.51 -22.98 24.48
CA ILE A 125 -10.21 -23.36 23.95
C ILE A 125 -10.16 -23.32 22.41
N LEU A 126 -8.93 -23.26 21.89
CA LEU A 126 -8.73 -23.28 20.46
C LEU A 126 -8.71 -24.72 19.98
N SER A 127 -9.55 -25.06 19.02
CA SER A 127 -9.61 -26.37 18.36
C SER A 127 -8.20 -26.80 17.86
N THR A 128 -7.96 -28.10 17.74
CA THR A 128 -6.70 -28.64 17.22
C THR A 128 -6.60 -28.27 15.73
N GLU A 129 -7.72 -28.44 14.96
CA GLU A 129 -7.77 -28.09 13.53
C GLU A 129 -7.41 -26.62 13.26
N ASN A 130 -7.91 -25.67 14.09
CA ASN A 130 -7.57 -24.24 13.94
C ASN A 130 -6.12 -23.98 14.35
N TYR A 131 -5.57 -24.75 15.28
CA TYR A 131 -4.18 -24.53 15.64
C TYR A 131 -3.33 -24.96 14.44
N ALA A 132 -3.66 -26.12 13.84
CA ALA A 132 -2.96 -26.67 12.68
C ALA A 132 -2.96 -25.67 11.53
N LYS A 133 -4.13 -25.03 11.27
CA LYS A 133 -4.39 -24.03 10.22
C LYS A 133 -3.49 -22.80 10.40
N ILE A 134 -3.55 -22.17 11.58
CA ILE A 134 -2.75 -21.00 11.94
C ILE A 134 -1.25 -21.39 11.90
N ASN A 135 -0.88 -22.51 12.53
CA ASN A 135 0.51 -22.99 12.53
C ASN A 135 1.12 -23.16 11.13
N LYS A 136 0.34 -23.76 10.19
CA LYS A 136 0.82 -24.04 8.82
C LYS A 136 1.15 -22.73 8.17
N ALA A 137 0.23 -21.76 8.28
CA ALA A 137 0.39 -20.42 7.75
C ALA A 137 1.65 -19.77 8.34
N TYR A 138 1.81 -19.82 9.68
CA TYR A 138 2.97 -19.25 10.38
C TYR A 138 4.29 -19.87 9.89
N GLN A 139 4.31 -21.20 9.73
CA GLN A 139 5.50 -21.93 9.30
C GLN A 139 5.92 -21.55 7.90
N ILE A 140 4.94 -21.30 6.99
CA ILE A 140 5.25 -20.86 5.61
C ILE A 140 5.90 -19.48 5.61
N ILE A 141 5.33 -18.54 6.41
CA ILE A 141 5.86 -17.20 6.56
C ILE A 141 7.29 -17.27 7.06
N GLN A 142 7.54 -18.02 8.15
CA GLN A 142 8.86 -18.16 8.74
C GLN A 142 9.87 -18.76 7.77
N LYS A 143 9.49 -19.85 7.01
CA LYS A 143 10.42 -20.44 6.02
C LYS A 143 10.66 -19.52 4.84
N ALA A 144 9.66 -18.71 4.46
CA ALA A 144 9.85 -17.78 3.33
C ALA A 144 10.86 -16.70 3.63
N PHE A 145 10.94 -16.25 4.90
CA PHE A 145 11.89 -15.21 5.30
C PHE A 145 13.29 -15.81 5.40
N GLY A 146 13.40 -17.09 5.72
CA GLY A 146 14.68 -17.80 5.86
C GLY A 146 15.47 -17.41 7.09
N SER A 147 16.67 -18.00 7.25
CA SER A 147 17.51 -17.75 8.43
C SER A 147 17.96 -16.29 8.52
N SER A 148 18.25 -15.67 7.38
CA SER A 148 18.70 -14.28 7.26
C SER A 148 17.56 -13.24 7.42
N GLY A 149 16.33 -13.71 7.23
CA GLY A 149 15.15 -12.86 7.27
C GLY A 149 15.03 -12.00 6.02
N LYS A 150 15.80 -12.31 4.95
CA LYS A 150 15.79 -11.53 3.70
C LYS A 150 15.48 -12.35 2.43
N ASP A 151 15.03 -13.60 2.58
CA ASP A 151 14.82 -14.52 1.46
C ASP A 151 13.62 -14.21 0.53
N ILE A 152 12.65 -13.37 0.97
CA ILE A 152 11.49 -13.07 0.11
C ILE A 152 11.94 -12.31 -1.15
N PRO A 153 11.69 -12.87 -2.36
CA PRO A 153 12.11 -12.16 -3.59
C PRO A 153 11.33 -10.88 -3.84
N ALA A 154 11.95 -9.97 -4.63
CA ALA A 154 11.39 -8.71 -5.12
C ALA A 154 10.10 -9.00 -5.88
N LEU A 155 9.13 -8.07 -5.83
CA LEU A 155 7.78 -8.27 -6.37
C LEU A 155 7.71 -8.73 -7.84
N SER A 156 8.72 -8.38 -8.67
CA SER A 156 8.78 -8.80 -10.08
C SER A 156 8.99 -10.32 -10.19
N ASP A 157 9.61 -10.93 -9.16
CA ASP A 157 9.92 -12.36 -9.08
C ASP A 157 8.80 -13.12 -8.32
N THR A 158 7.97 -13.88 -9.06
CA THR A 158 6.80 -14.57 -8.48
C THR A 158 6.84 -16.10 -8.55
N ASN A 159 7.78 -16.67 -9.33
CA ASN A 159 7.85 -18.13 -9.48
C ASN A 159 8.98 -18.82 -8.69
N THR A 160 9.47 -18.19 -7.59
CA THR A 160 10.48 -18.84 -6.75
C THR A 160 9.78 -19.87 -5.86
N GLU A 161 10.20 -21.15 -5.94
CA GLU A 161 9.61 -22.27 -5.18
C GLU A 161 10.03 -22.28 -3.71
N LEU A 162 9.05 -22.55 -2.83
CA LEU A 162 9.25 -22.73 -1.40
C LEU A 162 8.86 -24.19 -1.09
N LYS A 163 9.85 -24.98 -0.63
CA LYS A 163 9.64 -26.41 -0.36
C LYS A 163 10.29 -26.87 0.97
N PHE A 164 9.46 -27.35 1.90
CA PHE A 164 9.89 -27.84 3.21
C PHE A 164 8.83 -28.78 3.81
N THR A 165 9.27 -29.62 4.75
CA THR A 165 8.43 -30.56 5.50
C THR A 165 8.10 -29.98 6.86
N ILE A 166 6.82 -29.98 7.21
CA ILE A 166 6.30 -29.56 8.51
C ILE A 166 6.37 -30.80 9.43
N ASN A 167 6.69 -30.61 10.75
CA ASN A 167 6.77 -31.66 11.81
C ASN A 167 7.19 -33.06 11.35
N GLU A 180 3.76 -33.20 6.98
CA GLU A 180 3.49 -33.04 5.56
C GLU A 180 4.53 -32.17 4.83
N GLU A 181 4.72 -32.43 3.54
CA GLU A 181 5.66 -31.68 2.73
C GLU A 181 4.90 -30.58 1.95
N ILE A 182 5.29 -29.32 2.20
CA ILE A 182 4.68 -28.16 1.55
C ILE A 182 5.46 -27.80 0.30
N VAL A 183 4.73 -27.67 -0.81
CA VAL A 183 5.27 -27.22 -2.11
C VAL A 183 4.41 -26.05 -2.53
N THR A 184 4.99 -24.84 -2.45
CA THR A 184 4.33 -23.57 -2.81
C THR A 184 5.35 -22.56 -3.37
N LYS A 185 4.93 -21.28 -3.55
CA LYS A 185 5.82 -20.22 -4.07
C LYS A 185 6.20 -19.25 -2.95
N ASN A 186 7.45 -18.77 -2.98
CA ASN A 186 7.95 -17.75 -2.08
C ASN A 186 7.65 -16.48 -2.83
N ASN A 187 6.41 -16.01 -2.73
CA ASN A 187 5.97 -14.82 -3.42
C ASN A 187 4.98 -14.12 -2.54
N ALA A 188 4.84 -12.81 -2.70
CA ALA A 188 4.00 -11.95 -1.87
C ALA A 188 2.52 -12.30 -1.87
N GLN A 189 1.99 -12.88 -2.96
CA GLN A 189 0.56 -13.25 -3.03
C GLN A 189 0.27 -14.36 -2.04
N VAL A 190 1.10 -15.42 -2.08
CA VAL A 190 1.03 -16.60 -1.20
C VAL A 190 1.20 -16.17 0.26
N LEU A 191 2.28 -15.42 0.56
CA LEU A 191 2.60 -14.96 1.91
C LEU A 191 1.53 -14.10 2.53
N LEU A 192 0.95 -13.16 1.76
CA LEU A 192 -0.14 -12.34 2.27
C LEU A 192 -1.39 -13.17 2.58
N GLU A 193 -1.60 -14.27 1.84
CA GLU A 193 -2.70 -15.18 2.09
C GLU A 193 -2.46 -15.90 3.43
N GLN A 194 -1.17 -16.33 3.66
CA GLN A 194 -0.75 -17.00 4.89
C GLN A 194 -1.01 -16.07 6.04
N ALA A 195 -0.66 -14.78 5.88
CA ALA A 195 -0.85 -13.76 6.91
C ALA A 195 -2.35 -13.61 7.19
N SER A 196 -3.20 -13.73 6.15
CA SER A 196 -4.65 -13.57 6.33
C SER A 196 -5.24 -14.74 7.06
N THR A 197 -4.71 -15.96 6.81
CA THR A 197 -5.14 -17.18 7.48
C THR A 197 -4.91 -17.06 8.97
N ILE A 198 -3.72 -16.57 9.40
CA ILE A 198 -3.41 -16.38 10.82
C ILE A 198 -4.51 -15.54 11.49
N ILE A 199 -4.71 -14.28 11.04
CA ILE A 199 -5.62 -13.29 11.60
C ILE A 199 -7.07 -13.70 11.43
N THR A 200 -7.48 -14.13 10.22
CA THR A 200 -8.87 -14.56 9.98
C THR A 200 -9.24 -15.73 10.90
N THR A 201 -8.36 -16.80 10.98
CA THR A 201 -8.62 -17.97 11.85
C THR A 201 -8.67 -17.55 13.32
N LEU A 202 -7.71 -16.69 13.76
CA LEU A 202 -7.65 -16.18 15.13
C LEU A 202 -8.94 -15.44 15.49
N ASN A 203 -9.37 -14.55 14.60
CA ASN A 203 -10.53 -13.70 14.81
C ASN A 203 -11.83 -14.47 14.90
N SER A 204 -12.09 -15.40 13.95
CA SER A 204 -13.34 -16.19 13.93
C SER A 204 -13.40 -17.28 15.03
N ALA A 205 -12.28 -18.01 15.27
CA ALA A 205 -12.23 -19.00 16.33
C ALA A 205 -12.38 -18.28 17.67
N CYS A 206 -11.84 -17.04 17.76
CA CYS A 206 -11.90 -16.16 18.94
C CYS A 206 -11.76 -16.96 20.27
N PRO A 207 -10.65 -17.69 20.49
CA PRO A 207 -10.54 -18.48 21.74
C PRO A 207 -10.42 -17.58 22.97
N TRP A 208 -10.53 -18.15 24.17
CA TRP A 208 -10.41 -17.39 25.42
C TRP A 208 -8.94 -17.15 25.71
N ILE A 209 -8.63 -16.10 26.46
CA ILE A 209 -7.27 -15.78 26.86
C ILE A 209 -7.23 -16.12 28.35
N ASN A 210 -6.17 -16.82 28.81
CA ASN A 210 -6.01 -17.26 30.21
C ASN A 210 -6.24 -16.09 31.17
N ASN A 211 -7.15 -16.28 32.15
CA ASN A 211 -7.53 -15.24 33.13
C ASN A 211 -8.15 -13.98 32.47
N GLY A 212 -8.77 -14.18 31.30
CA GLY A 212 -9.42 -13.12 30.53
C GLY A 212 -8.46 -12.01 30.15
N GLY A 213 -7.20 -12.38 29.95
CA GLY A 213 -6.12 -11.48 29.60
C GLY A 213 -5.44 -10.76 30.75
N ALA A 214 -5.94 -10.91 32.01
CA ALA A 214 -5.37 -10.23 33.18
C ALA A 214 -3.90 -10.60 33.39
N GLY A 215 -3.08 -9.61 33.72
CA GLY A 215 -1.65 -9.84 33.89
C GLY A 215 -0.90 -8.79 34.69
N GLY A 216 0.43 -8.92 34.67
CA GLY A 216 1.36 -8.08 35.43
C GLY A 216 1.89 -6.82 34.79
N ALA A 217 1.35 -6.41 33.64
CA ALA A 217 1.81 -5.17 33.01
C ALA A 217 1.10 -3.98 33.68
N SER A 218 1.65 -2.76 33.49
CA SER A 218 1.13 -1.48 34.00
C SER A 218 -0.27 -1.17 33.44
N SER A 219 -0.58 -1.79 32.29
CA SER A 219 -1.84 -1.73 31.55
C SER A 219 -2.97 -2.49 32.26
N GLY A 220 -2.60 -3.42 33.09
CA GLY A 220 -3.55 -4.28 33.79
C GLY A 220 -3.70 -5.64 33.14
N SER A 221 -3.20 -5.79 31.89
CA SER A 221 -3.24 -7.06 31.14
C SER A 221 -1.85 -7.74 31.10
N LEU A 222 -1.73 -8.80 30.28
CA LEU A 222 -0.48 -9.54 30.09
C LEU A 222 0.49 -8.81 29.19
N TRP A 223 0.01 -7.82 28.40
CA TRP A 223 0.83 -7.05 27.47
C TRP A 223 0.71 -5.56 27.74
N GLU A 224 1.83 -4.84 27.62
CA GLU A 224 1.86 -3.37 27.73
C GLU A 224 1.13 -2.83 26.52
N GLY A 225 0.38 -1.74 26.71
CA GLY A 225 -0.36 -1.12 25.60
C GLY A 225 -1.71 -1.75 25.30
N ILE A 226 -1.98 -2.97 25.83
CA ILE A 226 -3.23 -3.69 25.68
C ILE A 226 -4.00 -3.53 27.00
N TYR A 227 -5.12 -2.81 26.95
CA TYR A 227 -5.97 -2.47 28.10
C TYR A 227 -7.30 -3.21 27.97
N LEU A 228 -7.66 -3.98 29.01
CA LEU A 228 -8.89 -4.76 29.07
C LEU A 228 -10.13 -3.86 29.24
N LYS A 229 -11.08 -4.00 28.32
CA LYS A 229 -12.32 -3.25 28.27
C LYS A 229 -13.53 -4.17 28.62
N GLY A 230 -13.28 -5.16 29.46
CA GLY A 230 -14.31 -6.07 29.93
C GLY A 230 -14.60 -7.30 29.09
N ASP A 231 -13.76 -7.61 28.08
CA ASP A 231 -13.93 -8.81 27.27
C ASP A 231 -12.64 -9.63 27.29
N GLY A 232 -12.75 -10.88 27.76
CA GLY A 232 -11.60 -11.77 27.91
C GLY A 232 -11.22 -12.66 26.75
N SER A 233 -11.94 -12.59 25.62
CA SER A 233 -11.62 -13.40 24.44
C SER A 233 -10.54 -12.75 23.58
N ALA A 234 -9.89 -13.52 22.66
CA ALA A 234 -8.85 -13.02 21.74
C ALA A 234 -9.35 -11.90 20.82
N CYS A 235 -10.54 -12.10 20.22
CA CYS A 235 -11.09 -11.10 19.30
C CYS A 235 -11.67 -9.87 20.05
N GLY A 236 -11.85 -9.98 21.37
CA GLY A 236 -12.29 -8.88 22.21
C GLY A 236 -11.09 -8.04 22.64
N ILE A 237 -10.13 -8.65 23.34
CA ILE A 237 -8.90 -8.00 23.79
C ILE A 237 -8.11 -7.34 22.63
N PHE A 238 -7.97 -8.05 21.49
CA PHE A 238 -7.18 -7.60 20.34
C PHE A 238 -7.97 -7.05 19.13
N LYS A 239 -9.24 -6.65 19.33
CA LYS A 239 -10.15 -6.06 18.33
C LYS A 239 -9.46 -4.99 17.44
N ASN A 240 -8.78 -4.01 18.08
CA ASN A 240 -8.08 -2.93 17.38
C ASN A 240 -6.91 -3.45 16.55
N GLU A 241 -6.04 -4.28 17.17
CA GLU A 241 -4.85 -4.85 16.56
C GLU A 241 -5.18 -5.80 15.42
N ILE A 242 -6.20 -6.65 15.59
CA ILE A 242 -6.67 -7.56 14.52
C ILE A 242 -7.17 -6.67 13.34
N SER A 243 -7.98 -5.65 13.64
CA SER A 243 -8.53 -4.78 12.62
C SER A 243 -7.43 -4.09 11.80
N ALA A 244 -6.43 -3.47 12.50
CA ALA A 244 -5.31 -2.78 11.87
C ALA A 244 -4.53 -3.73 10.98
N ILE A 245 -4.34 -4.97 11.42
CA ILE A 245 -3.54 -5.91 10.67
C ILE A 245 -4.28 -6.40 9.43
N GLN A 246 -5.59 -6.65 9.55
CA GLN A 246 -6.43 -7.07 8.43
C GLN A 246 -6.38 -6.08 7.29
N ASP A 247 -6.47 -4.78 7.62
CA ASP A 247 -6.43 -3.68 6.63
C ASP A 247 -5.01 -3.58 6.03
N MET A 248 -3.95 -3.81 6.85
CA MET A 248 -2.56 -3.81 6.41
C MET A 248 -2.38 -4.88 5.30
N ILE A 249 -2.93 -6.07 5.53
CA ILE A 249 -2.90 -7.19 4.59
C ILE A 249 -3.68 -6.83 3.30
N LYS A 250 -4.89 -6.24 3.47
CA LYS A 250 -5.77 -5.87 2.37
C LYS A 250 -5.09 -4.83 1.46
N ASN A 251 -4.53 -3.77 2.05
CA ASN A 251 -3.81 -2.72 1.33
C ASN A 251 -2.53 -3.23 0.67
N ALA A 252 -1.65 -3.95 1.38
CA ALA A 252 -0.43 -4.50 0.76
C ALA A 252 -0.76 -5.50 -0.40
N ALA A 253 -1.92 -6.22 -0.32
CA ALA A 253 -2.34 -7.16 -1.35
C ALA A 253 -2.74 -6.38 -2.60
N ILE A 254 -3.37 -5.21 -2.41
CA ILE A 254 -3.74 -4.32 -3.53
C ILE A 254 -2.43 -3.87 -4.24
N ALA A 255 -1.39 -3.50 -3.47
CA ALA A 255 -0.09 -3.06 -4.02
C ALA A 255 0.56 -4.18 -4.86
N VAL A 256 0.35 -5.45 -4.46
CA VAL A 256 0.93 -6.66 -5.08
C VAL A 256 0.25 -6.93 -6.41
N GLU A 257 -1.10 -6.71 -6.50
CA GLU A 257 -1.87 -6.85 -7.75
C GLU A 257 -1.42 -5.80 -8.78
N GLN A 258 -1.27 -4.53 -8.32
CA GLN A 258 -0.88 -3.39 -9.12
C GLN A 258 0.52 -3.54 -9.66
N SER A 259 1.38 -4.31 -8.95
CA SER A 259 2.74 -4.56 -9.36
C SER A 259 2.78 -5.42 -10.62
N LYS A 260 1.70 -6.21 -10.89
CA LYS A 260 1.61 -6.99 -12.15
C LYS A 260 1.63 -6.00 -13.33
N ILE A 261 0.88 -4.88 -13.19
CA ILE A 261 0.78 -3.83 -14.20
C ILE A 261 2.17 -3.24 -14.44
N VAL A 262 2.84 -2.77 -13.38
CA VAL A 262 4.19 -2.21 -13.44
C VAL A 262 5.12 -3.20 -14.12
N ALA A 263 5.04 -4.50 -13.71
CA ALA A 263 5.84 -5.62 -14.21
C ALA A 263 5.66 -5.85 -15.68
N ALA A 264 4.41 -5.70 -16.16
CA ALA A 264 4.09 -5.82 -17.58
C ALA A 264 4.64 -4.65 -18.43
N ASN A 265 4.98 -3.51 -17.78
CA ASN A 265 5.50 -2.31 -18.46
C ASN A 265 6.98 -2.00 -18.16
N ALA A 266 7.70 -2.93 -17.51
CA ALA A 266 9.09 -2.70 -17.11
C ALA A 266 10.13 -2.71 -18.26
N GLN A 267 9.73 -3.15 -19.47
CA GLN A 267 10.65 -3.19 -20.63
C GLN A 267 11.03 -1.78 -21.09
N ASN A 268 12.36 -1.55 -21.21
CA ASN A 268 12.96 -0.30 -21.67
C ASN A 268 12.56 -0.03 -23.13
N GLN A 269 12.06 1.20 -23.40
CA GLN A 269 11.59 1.64 -24.73
C GLN A 269 12.67 2.47 -25.43
N ARG A 270 12.56 2.62 -26.78
CA ARG A 270 13.49 3.44 -27.55
C ARG A 270 12.99 4.90 -27.53
N ASN A 271 13.88 5.85 -27.17
CA ASN A 271 13.56 7.28 -27.12
C ASN A 271 13.09 7.79 -28.48
N LEU A 272 12.12 8.73 -28.48
CA LEU A 272 11.61 9.37 -29.71
C LEU A 272 12.70 10.27 -30.24
N ASP A 273 12.78 10.46 -31.58
CA ASP A 273 13.80 11.34 -32.12
C ASP A 273 13.42 12.78 -31.78
N THR A 274 14.32 13.46 -31.04
CA THR A 274 14.16 14.84 -30.59
C THR A 274 14.28 15.81 -31.80
N GLY A 275 14.97 15.36 -32.86
CA GLY A 275 15.17 16.12 -34.08
C GLY A 275 13.97 16.15 -35.02
N LYS A 276 13.16 15.06 -35.03
CA LYS A 276 11.98 14.93 -35.89
C LYS A 276 10.75 15.52 -35.22
N THR A 277 9.74 15.87 -36.04
CA THR A 277 8.47 16.41 -35.55
C THR A 277 7.66 15.28 -34.93
N PHE A 278 7.03 15.52 -33.78
CA PHE A 278 6.18 14.51 -33.13
C PHE A 278 4.73 14.91 -33.36
N ASN A 279 3.96 14.01 -33.96
CA ASN A 279 2.55 14.22 -34.22
C ASN A 279 1.76 13.58 -33.06
N PRO A 280 1.15 14.40 -32.18
CA PRO A 280 0.40 13.84 -31.05
C PRO A 280 -0.87 13.07 -31.43
N TYR A 281 -1.38 13.28 -32.63
CA TYR A 281 -2.59 12.58 -33.05
C TYR A 281 -2.27 11.18 -33.53
N LYS A 282 -1.02 10.93 -33.98
CA LYS A 282 -0.65 9.65 -34.60
C LYS A 282 0.47 8.88 -33.96
N ASP A 283 1.45 9.58 -33.41
CA ASP A 283 2.63 8.92 -32.87
C ASP A 283 2.56 8.57 -31.40
N ALA A 284 1.35 8.54 -30.78
CA ALA A 284 1.21 8.27 -29.35
C ALA A 284 0.48 6.95 -28.98
N ASN A 285 0.65 5.91 -29.83
CA ASN A 285 0.03 4.61 -29.60
C ASN A 285 0.57 3.92 -28.32
N PHE A 286 1.73 4.39 -27.79
CA PHE A 286 2.39 3.90 -26.55
C PHE A 286 1.77 4.49 -25.29
N ALA A 287 1.00 5.57 -25.44
CA ALA A 287 0.43 6.35 -24.34
C ALA A 287 -0.49 5.57 -23.40
N GLN A 288 -1.28 4.63 -23.92
CA GLN A 288 -2.21 3.82 -23.13
C GLN A 288 -1.53 3.02 -22.03
N SER A 289 -0.48 2.24 -22.39
CA SER A 289 0.31 1.44 -21.44
C SER A 289 1.12 2.39 -20.53
N MET A 290 1.53 3.56 -21.05
CA MET A 290 2.26 4.57 -20.27
C MET A 290 1.37 5.07 -19.15
N PHE A 291 0.07 5.31 -19.46
CA PHE A 291 -0.93 5.75 -18.50
C PHE A 291 -1.18 4.66 -17.43
N ALA A 292 -1.49 3.44 -17.88
CA ALA A 292 -1.73 2.32 -16.99
C ALA A 292 -0.54 2.09 -16.04
N ASN A 293 0.70 2.24 -16.54
CA ASN A 293 1.89 2.03 -15.71
C ASN A 293 1.94 3.06 -14.56
N ALA A 294 1.86 4.33 -14.88
CA ALA A 294 1.88 5.48 -13.98
C ALA A 294 0.75 5.44 -12.95
N LYS A 295 -0.48 5.09 -13.40
CA LYS A 295 -1.66 4.98 -12.55
C LYS A 295 -1.39 3.86 -11.53
N ALA A 296 -0.85 2.71 -12.01
CA ALA A 296 -0.48 1.61 -11.08
C ALA A 296 0.57 2.05 -10.08
N GLN A 297 1.69 2.63 -10.54
CA GLN A 297 2.76 3.12 -9.65
C GLN A 297 2.22 4.07 -8.58
N ALA A 298 1.26 4.93 -8.95
CA ALA A 298 0.67 5.85 -7.98
C ALA A 298 -0.17 5.12 -6.97
N GLU A 299 -0.88 4.01 -7.39
CA GLU A 299 -1.71 3.18 -6.49
C GLU A 299 -0.86 2.48 -5.45
N ILE A 300 0.22 1.80 -5.91
CA ILE A 300 1.21 1.15 -5.06
C ILE A 300 1.63 2.10 -3.94
N LEU A 301 1.97 3.33 -4.30
CA LEU A 301 2.34 4.35 -3.32
C LEU A 301 1.20 4.68 -2.34
N ASN A 302 -0.05 4.78 -2.86
CA ASN A 302 -1.24 5.07 -2.03
C ASN A 302 -1.32 3.97 -0.99
N ARG A 303 -1.29 2.70 -1.46
CA ARG A 303 -1.39 1.51 -0.61
C ARG A 303 -0.26 1.36 0.40
N ALA A 304 1.02 1.56 0.00
CA ALA A 304 2.16 1.49 0.94
C ALA A 304 1.96 2.51 2.07
N GLN A 305 1.59 3.73 1.75
CA GLN A 305 1.29 4.74 2.77
C GLN A 305 0.09 4.32 3.66
N ALA A 306 -0.97 3.68 3.06
CA ALA A 306 -2.15 3.28 3.84
C ALA A 306 -1.79 2.20 4.85
N VAL A 307 -0.81 1.36 4.50
CA VAL A 307 -0.30 0.31 5.38
C VAL A 307 0.32 1.00 6.61
N VAL A 308 1.06 2.14 6.42
CA VAL A 308 1.67 2.90 7.52
C VAL A 308 0.57 3.38 8.46
N LYS A 309 -0.46 3.99 7.87
CA LYS A 309 -1.60 4.56 8.56
C LYS A 309 -2.40 3.54 9.34
N ASP A 310 -2.56 2.30 8.80
CA ASP A 310 -3.25 1.19 9.50
C ASP A 310 -2.41 0.75 10.72
N PHE A 311 -1.09 0.54 10.49
CA PHE A 311 -0.13 0.15 11.51
C PHE A 311 -0.11 1.13 12.70
N GLU A 312 -0.31 2.41 12.46
CA GLU A 312 -0.26 3.44 13.50
C GLU A 312 -1.52 3.50 14.35
N ARG A 313 -2.54 2.65 14.05
CA ARG A 313 -3.73 2.53 14.90
C ARG A 313 -3.34 1.70 16.12
N ILE A 314 -2.26 0.90 16.00
CA ILE A 314 -1.71 0.04 17.06
C ILE A 314 -0.97 0.98 18.05
N PRO A 315 -1.27 0.90 19.37
CA PRO A 315 -0.59 1.81 20.31
C PRO A 315 0.91 1.58 20.39
N ALA A 316 1.66 2.68 20.42
CA ALA A 316 3.12 2.68 20.49
C ALA A 316 3.71 1.78 21.58
N GLU A 317 3.08 1.70 22.80
CA GLU A 317 3.53 0.89 23.94
C GLU A 317 3.49 -0.59 23.63
N PHE A 318 2.52 -1.03 22.82
CA PHE A 318 2.39 -2.42 22.43
C PHE A 318 3.49 -2.78 21.44
N VAL A 319 3.89 -1.84 20.60
CA VAL A 319 4.95 -2.09 19.62
C VAL A 319 6.31 -2.15 20.34
N LYS A 320 6.65 -1.11 21.15
CA LYS A 320 7.94 -1.05 21.83
C LYS A 320 8.04 -1.93 23.10
N ASP A 321 7.00 -1.99 23.96
CA ASP A 321 7.08 -2.71 25.23
C ASP A 321 6.37 -4.08 25.29
N SER A 322 5.99 -4.64 24.14
CA SER A 322 5.43 -5.97 24.07
C SER A 322 6.01 -6.68 22.86
N LEU A 323 5.83 -6.13 21.63
CA LEU A 323 6.35 -6.80 20.43
C LEU A 323 7.87 -6.84 20.38
N GLY A 324 8.51 -5.73 20.73
CA GLY A 324 9.96 -5.63 20.69
C GLY A 324 10.64 -6.34 21.83
N VAL A 325 9.84 -6.79 22.83
CA VAL A 325 10.27 -7.47 24.07
C VAL A 325 9.57 -8.87 24.18
N CYS A 326 9.06 -9.41 23.06
CA CYS A 326 8.37 -10.72 22.98
C CYS A 326 9.24 -11.88 23.46
N HIS A 327 8.62 -13.04 23.63
CA HIS A 327 9.32 -14.25 24.10
C HIS A 327 10.38 -14.77 23.10
N GLU A 328 10.20 -14.53 21.78
CA GLU A 328 11.17 -14.92 20.74
C GLU A 328 12.53 -14.23 20.94
N VAL A 329 12.54 -12.90 21.18
CA VAL A 329 13.77 -12.15 21.46
C VAL A 329 14.31 -12.52 22.84
N GLN A 330 13.41 -12.72 23.83
CA GLN A 330 13.72 -13.08 25.23
C GLN A 330 14.54 -14.37 25.27
N ASN A 331 14.24 -15.30 24.36
CA ASN A 331 14.94 -16.57 24.23
C ASN A 331 16.09 -16.57 23.19
N GLY A 332 16.39 -15.42 22.61
CA GLY A 332 17.52 -15.28 21.69
C GLY A 332 17.30 -15.75 20.27
N HIS A 333 16.04 -15.79 19.83
CA HIS A 333 15.74 -16.16 18.45
C HIS A 333 15.79 -14.90 17.57
N LEU A 334 16.87 -14.74 16.81
CA LEU A 334 17.07 -13.61 15.88
C LEU A 334 17.52 -14.18 14.52
N ARG A 335 17.79 -13.29 13.56
CA ARG A 335 18.27 -13.66 12.23
C ARG A 335 19.76 -14.02 12.26
N GLY A 336 20.21 -14.80 11.27
CA GLY A 336 21.58 -15.24 11.06
C GLY A 336 22.42 -15.53 12.30
N ASP A 344 19.48 -23.53 8.59
CA ASP A 344 19.44 -23.96 9.98
C ASP A 344 18.04 -23.76 10.61
N ASN A 345 17.87 -22.72 11.46
CA ASN A 345 16.62 -22.36 12.13
C ASN A 345 16.04 -21.13 11.48
N THR A 346 14.71 -21.07 11.37
CA THR A 346 14.01 -19.96 10.75
C THR A 346 13.32 -19.08 11.80
N TRP A 347 13.99 -17.99 12.20
CA TRP A 347 13.50 -17.03 13.18
C TRP A 347 13.58 -15.60 12.64
N GLY A 348 13.53 -15.50 11.32
CA GLY A 348 13.63 -14.25 10.59
C GLY A 348 12.43 -13.33 10.65
N ALA A 349 11.23 -13.87 10.90
CA ALA A 349 10.01 -13.07 10.89
C ALA A 349 9.37 -12.82 12.24
N GLY A 350 8.56 -11.76 12.32
CA GLY A 350 7.78 -11.47 13.51
C GLY A 350 8.10 -10.25 14.35
N CYS A 351 7.64 -10.32 15.61
CA CYS A 351 7.68 -9.28 16.66
C CYS A 351 9.06 -8.70 16.92
N ALA A 352 10.14 -9.44 16.59
CA ALA A 352 11.51 -8.96 16.77
C ALA A 352 11.87 -7.85 15.77
N TYR A 353 11.23 -7.88 14.59
CA TYR A 353 11.52 -6.95 13.49
C TYR A 353 10.34 -6.11 13.05
N VAL A 354 9.27 -5.98 13.86
CA VAL A 354 8.11 -5.17 13.48
C VAL A 354 8.47 -3.68 13.50
N GLY A 355 9.08 -3.24 14.60
CA GLY A 355 9.51 -1.86 14.84
C GLY A 355 10.44 -1.25 13.80
N GLU A 356 11.46 -2.02 13.39
CA GLU A 356 12.42 -1.57 12.38
C GLU A 356 11.78 -1.60 10.98
N THR A 357 10.83 -2.52 10.72
CA THR A 357 10.20 -2.57 9.40
C THR A 357 9.32 -1.33 9.16
N VAL A 358 8.55 -0.85 10.20
CA VAL A 358 7.72 0.35 10.07
C VAL A 358 8.62 1.56 9.79
N THR A 359 9.81 1.61 10.42
CA THR A 359 10.80 2.66 10.17
C THR A 359 11.27 2.56 8.73
N ASN A 360 11.70 1.36 8.27
CA ASN A 360 12.16 1.14 6.89
C ASN A 360 11.10 1.43 5.84
N LEU A 361 9.82 1.20 6.15
CA LEU A 361 8.72 1.51 5.23
C LEU A 361 8.48 3.02 5.14
N LYS A 362 8.42 3.72 6.31
CA LYS A 362 8.23 5.18 6.30
C LYS A 362 9.40 5.86 5.59
N ASP A 363 10.64 5.42 5.88
CA ASP A 363 11.87 5.94 5.26
C ASP A 363 11.86 5.73 3.74
N SER A 364 11.38 4.54 3.26
CA SER A 364 11.32 4.22 1.83
C SER A 364 10.32 5.10 1.10
N ILE A 365 9.21 5.46 1.76
CA ILE A 365 8.17 6.33 1.19
C ILE A 365 8.72 7.77 1.10
N ALA A 366 9.35 8.26 2.17
CA ALA A 366 9.98 9.58 2.19
C ALA A 366 11.07 9.70 1.11
N HIS A 367 11.90 8.65 0.93
CA HIS A 367 12.96 8.65 -0.08
C HIS A 367 12.39 8.52 -1.49
N PHE A 368 11.10 8.15 -1.62
CA PHE A 368 10.43 8.03 -2.93
C PHE A 368 9.78 9.35 -3.42
N GLY A 369 10.00 10.44 -2.65
CA GLY A 369 9.47 11.79 -2.86
C GLY A 369 9.54 12.32 -4.27
N ASP A 370 10.80 12.46 -4.78
CA ASP A 370 11.12 12.95 -6.13
C ASP A 370 10.36 12.11 -7.18
N GLN A 371 10.56 10.78 -7.12
CA GLN A 371 9.97 9.78 -8.00
C GLN A 371 8.45 9.85 -8.03
N ALA A 372 7.82 10.11 -6.87
CA ALA A 372 6.37 10.16 -6.73
C ALA A 372 5.79 11.31 -7.52
N GLU A 373 6.42 12.50 -7.46
CA GLU A 373 6.00 13.69 -8.20
C GLU A 373 6.08 13.42 -9.72
N ARG A 374 7.19 12.82 -10.20
CA ARG A 374 7.40 12.48 -11.61
C ARG A 374 6.36 11.48 -12.12
N ILE A 375 5.85 10.61 -11.24
CA ILE A 375 4.81 9.61 -11.55
C ILE A 375 3.49 10.33 -11.86
N HIS A 376 3.11 11.29 -11.01
CA HIS A 376 1.87 12.04 -11.19
C HIS A 376 1.96 12.81 -12.49
N ASN A 377 3.08 13.52 -12.70
CA ASN A 377 3.29 14.28 -13.94
C ASN A 377 3.25 13.35 -15.18
N ALA A 378 3.90 12.16 -15.10
CA ALA A 378 3.92 11.18 -16.21
C ALA A 378 2.52 10.68 -16.53
N ARG A 379 1.68 10.49 -15.50
CA ARG A 379 0.30 10.01 -15.61
C ARG A 379 -0.54 10.98 -16.41
N ASN A 380 -0.52 12.26 -15.99
CA ASN A 380 -1.28 13.32 -16.63
C ASN A 380 -0.88 13.51 -18.08
N LEU A 381 0.44 13.52 -18.36
CA LEU A 381 0.97 13.62 -19.73
C LEU A 381 0.47 12.41 -20.55
N ALA A 382 0.59 11.22 -20.00
CA ALA A 382 0.15 9.99 -20.65
C ALA A 382 -1.36 10.01 -20.97
N TYR A 383 -2.20 10.50 -20.02
CA TYR A 383 -3.63 10.61 -20.28
C TYR A 383 -3.93 11.62 -21.39
N THR A 384 -3.20 12.74 -21.40
CA THR A 384 -3.36 13.80 -22.42
C THR A 384 -2.96 13.25 -23.80
N LEU A 385 -1.77 12.61 -23.92
CA LEU A 385 -1.33 11.98 -25.17
C LEU A 385 -2.32 10.91 -25.63
N ALA A 386 -2.83 10.08 -24.71
CA ALA A 386 -3.80 9.03 -25.04
C ALA A 386 -5.11 9.60 -25.58
N ASN A 387 -5.49 10.82 -25.13
CA ASN A 387 -6.75 11.45 -25.55
C ASN A 387 -6.56 12.83 -26.13
N PHE A 388 -5.46 13.05 -26.89
CA PHE A 388 -5.04 14.35 -27.43
C PHE A 388 -6.13 15.12 -28.17
N SER A 389 -6.75 14.48 -29.18
CA SER A 389 -7.81 15.04 -30.00
C SER A 389 -8.90 15.68 -29.11
N SER A 390 -9.46 14.87 -28.19
CA SER A 390 -10.51 15.25 -27.25
C SER A 390 -10.06 16.28 -26.21
N GLN A 391 -8.83 16.12 -25.71
CA GLN A 391 -8.23 17.00 -24.71
C GLN A 391 -7.97 18.39 -25.28
N TYR A 392 -7.52 18.45 -26.54
CA TYR A 392 -7.25 19.70 -27.27
C TYR A 392 -8.55 20.46 -27.55
N GLN A 393 -9.61 19.74 -27.95
CA GLN A 393 -10.96 20.29 -28.17
C GLN A 393 -11.47 20.87 -26.84
N LYS A 394 -11.18 20.18 -25.72
CA LYS A 394 -11.58 20.63 -24.38
C LYS A 394 -10.94 21.99 -24.00
N LEU A 395 -9.68 22.23 -24.43
CA LEU A 395 -8.92 23.47 -24.20
C LEU A 395 -9.62 24.65 -24.87
N GLY A 396 -10.17 24.39 -26.06
CA GLY A 396 -10.92 25.37 -26.84
C GLY A 396 -12.24 25.71 -26.19
N GLU A 397 -12.95 24.69 -25.69
CA GLU A 397 -14.24 24.80 -24.99
C GLU A 397 -14.07 25.66 -23.74
N HIS A 398 -12.99 25.38 -22.98
CA HIS A 398 -12.59 26.12 -21.79
C HIS A 398 -12.33 27.57 -22.14
N TYR A 399 -11.64 27.86 -23.27
CA TYR A 399 -11.37 29.24 -23.75
C TYR A 399 -12.68 30.00 -23.96
N ASP A 400 -13.62 29.39 -24.72
CA ASP A 400 -14.94 29.90 -25.01
C ASP A 400 -15.75 30.09 -23.69
N SER A 401 -15.68 29.11 -22.75
CA SER A 401 -16.36 29.16 -21.44
C SER A 401 -15.92 30.37 -20.58
N ILE A 402 -14.60 30.69 -20.59
CA ILE A 402 -13.95 31.79 -19.85
C ILE A 402 -14.37 33.14 -20.46
N THR A 403 -14.30 33.24 -21.79
CA THR A 403 -14.67 34.46 -22.52
C THR A 403 -16.13 34.81 -22.21
N ALA A 404 -17.01 33.80 -22.19
CA ALA A 404 -18.43 33.93 -21.86
C ALA A 404 -18.60 34.43 -20.42
N ALA A 405 -17.91 33.79 -19.47
CA ALA A 405 -17.95 34.11 -18.04
C ALA A 405 -17.53 35.55 -17.76
N ILE A 406 -16.46 36.01 -18.40
CA ILE A 406 -15.93 37.37 -18.23
C ILE A 406 -16.91 38.44 -18.71
N SER A 407 -17.60 38.18 -19.84
CA SER A 407 -18.57 39.08 -20.49
C SER A 407 -19.59 39.73 -19.53
N SER A 408 -20.14 38.96 -18.59
CA SER A 408 -21.13 39.48 -17.65
C SER A 408 -20.53 40.17 -16.42
N LEU A 409 -19.25 39.93 -16.15
CA LEU A 409 -18.54 40.49 -14.98
C LEU A 409 -18.29 42.00 -15.07
N PRO A 410 -18.34 42.75 -13.92
CA PRO A 410 -18.04 44.19 -13.97
C PRO A 410 -16.55 44.41 -14.31
N ASP A 411 -16.27 45.36 -15.22
CA ASP A 411 -14.95 45.67 -15.77
C ASP A 411 -14.33 44.41 -16.44
N ALA A 412 -15.13 43.84 -17.37
CA ALA A 412 -14.80 42.68 -18.20
C ALA A 412 -13.63 43.04 -19.11
N GLN A 413 -13.47 44.35 -19.42
CA GLN A 413 -12.43 44.92 -20.28
C GLN A 413 -11.00 44.70 -19.74
N SER A 414 -10.76 44.84 -18.42
CA SER A 414 -9.41 44.61 -17.84
C SER A 414 -9.06 43.11 -17.85
N LEU A 415 -10.08 42.28 -17.62
CA LEU A 415 -10.05 40.83 -17.51
C LEU A 415 -10.03 40.10 -18.84
N GLN A 416 -10.51 40.71 -19.94
CA GLN A 416 -10.61 40.02 -21.25
C GLN A 416 -9.31 39.32 -21.70
N ASN A 417 -8.14 39.92 -21.37
CA ASN A 417 -6.82 39.41 -21.76
C ASN A 417 -6.24 38.31 -20.83
N VAL A 418 -7.01 37.82 -19.83
CA VAL A 418 -6.60 36.72 -18.92
C VAL A 418 -6.21 35.46 -19.72
N VAL A 419 -6.87 35.28 -20.87
CA VAL A 419 -6.66 34.23 -21.85
C VAL A 419 -6.58 34.90 -23.20
N SER A 420 -5.85 34.26 -24.10
CA SER A 420 -5.70 34.70 -25.48
C SER A 420 -5.36 33.47 -26.31
N LYS A 421 -5.70 33.54 -27.60
CA LYS A 421 -5.37 32.51 -28.57
C LYS A 421 -4.70 33.15 -29.80
N LYS A 422 -3.69 32.47 -30.32
CA LYS A 422 -2.89 32.91 -31.46
C LYS A 422 -2.97 31.77 -32.48
N THR A 423 -3.28 32.07 -33.74
CA THR A 423 -3.34 31.04 -34.79
C THR A 423 -1.91 30.74 -35.31
N ASN A 424 -1.71 29.52 -35.80
CA ASN A 424 -0.47 29.03 -36.41
C ASN A 424 -0.90 27.98 -37.46
N PRO A 425 -1.39 28.39 -38.66
CA PRO A 425 -1.82 27.38 -39.65
C PRO A 425 -0.67 26.63 -40.32
N ASN A 426 0.58 27.05 -40.03
CA ASN A 426 1.81 26.46 -40.53
C ASN A 426 2.25 25.25 -39.69
N SER A 427 1.65 25.10 -38.47
CA SER A 427 1.93 24.02 -37.50
C SER A 427 2.19 22.66 -38.14
N PRO A 428 3.44 22.14 -38.07
CA PRO A 428 3.70 20.80 -38.62
C PRO A 428 3.05 19.69 -37.80
N GLN A 429 2.67 19.98 -36.54
CA GLN A 429 2.04 19.06 -35.56
C GLN A 429 0.50 19.02 -35.62
N GLY A 430 -0.12 20.00 -36.30
CA GLY A 430 -1.56 20.09 -36.41
C GLY A 430 -2.25 20.77 -35.25
N ILE A 431 -1.49 21.61 -34.51
CA ILE A 431 -1.96 22.41 -33.38
C ILE A 431 -2.04 23.85 -33.94
N GLN A 432 -3.12 24.09 -34.70
CA GLN A 432 -3.39 25.36 -35.38
C GLN A 432 -3.66 26.53 -34.42
N ASP A 433 -4.09 26.24 -33.18
CA ASP A 433 -4.36 27.30 -32.20
C ASP A 433 -3.50 27.14 -30.97
N ASN A 434 -2.76 28.20 -30.68
CA ASN A 434 -1.86 28.29 -29.53
C ASN A 434 -2.57 29.09 -28.47
N TYR A 435 -2.85 28.45 -27.33
CA TYR A 435 -3.58 29.09 -26.26
C TYR A 435 -2.62 29.62 -25.22
N TYR A 436 -3.01 30.73 -24.58
CA TYR A 436 -2.18 31.40 -23.60
C TYR A 436 -3.02 31.83 -22.42
N ILE A 437 -2.34 32.10 -21.30
CA ILE A 437 -2.96 32.57 -20.07
C ILE A 437 -2.03 33.58 -19.40
N ASP A 438 -2.59 34.72 -18.96
CA ASP A 438 -1.84 35.76 -18.25
C ASP A 438 -1.86 35.39 -16.79
N SER A 439 -0.70 34.96 -16.27
CA SER A 439 -0.50 34.51 -14.89
C SER A 439 -0.88 35.57 -13.85
N ASN A 440 -0.64 36.85 -14.18
CA ASN A 440 -0.92 38.00 -13.32
C ASN A 440 -2.40 38.28 -13.20
N ILE A 441 -3.15 38.24 -14.33
CA ILE A 441 -4.61 38.42 -14.26
C ILE A 441 -5.21 37.19 -13.53
N HIS A 442 -4.63 35.98 -13.73
CA HIS A 442 -5.06 34.73 -13.08
C HIS A 442 -4.90 34.85 -11.56
N SER A 443 -3.69 35.23 -11.08
CA SER A 443 -3.38 35.48 -9.67
C SER A 443 -4.37 36.47 -9.08
N GLN A 444 -4.63 37.57 -9.78
CA GLN A 444 -5.59 38.59 -9.41
C GLN A 444 -6.99 38.02 -9.20
N VAL A 445 -7.46 37.15 -10.11
CA VAL A 445 -8.76 36.51 -10.03
C VAL A 445 -8.81 35.55 -8.84
N GLN A 446 -7.78 34.69 -8.72
CA GLN A 446 -7.55 33.69 -7.67
C GLN A 446 -7.63 34.39 -6.30
N SER A 447 -6.94 35.53 -6.18
CA SER A 447 -6.93 36.32 -4.97
C SER A 447 -8.23 37.10 -4.76
N ARG A 448 -8.86 37.62 -5.83
CA ARG A 448 -10.13 38.35 -5.71
C ARG A 448 -11.26 37.42 -5.27
N SER A 449 -11.19 36.14 -5.67
CA SER A 449 -12.18 35.11 -5.32
C SER A 449 -12.14 34.76 -3.83
N GLN A 450 -10.92 34.63 -3.24
CA GLN A 450 -10.70 34.31 -1.82
C GLN A 450 -11.01 35.52 -0.93
N GLU A 451 -11.01 36.72 -1.52
CA GLU A 451 -11.31 37.97 -0.83
C GLU A 451 -12.83 38.09 -0.69
N LEU A 452 -13.57 37.71 -1.75
CA LEU A 452 -15.03 37.74 -1.82
C LEU A 452 -15.65 36.62 -0.97
N LYS A 453 -14.96 35.48 -0.84
CA LYS A 453 -15.40 34.33 -0.02
C LYS A 453 -15.45 34.66 1.49
N GLY A 454 -14.69 35.69 1.91
CA GLY A 454 -14.64 36.16 3.29
C GLY A 454 -15.53 37.38 3.53
#